data_3J93
#
_entry.id   3J93
#
_cell.length_a   1
_cell.length_b   1
_cell.length_c   1
_cell.angle_alpha   90
_cell.angle_beta   90
_cell.angle_gamma   90
#
_symmetry.space_group_name_H-M   'P 1'
#
loop_
_entity.id
_entity.type
_entity.pdbx_description
1 polymer 'neutralizing antibody 22A12, light chain'
2 polymer 'neutralizing antibody 22A12, heavy chain'
#
loop_
_entity_poly.entity_id
_entity_poly.type
_entity_poly.pdbx_seq_one_letter_code
_entity_poly.pdbx_strand_id
1 'polypeptide(L)'
;DIVMTQSHKFMSTSVGDRVSITCKASQDVNTALAWYQQIPGQSPKLLIYSASNRYTGVPDRFTASGSGTDFTFTISSVQA
EDLALYYCQQHYTTPWTFGGGTKLEIKRADAAPTVSIFPPSSEQLTSGGASVVCFLNNFYPKDINVKWAIDGAERAGGVL
NSFTGQDSKDSTYSMSSTLTLTKDEYERHASYTCEATHKTSTAPIVKSFNRGAA
;
L
2 'polypeptide(L)'
;AVHLQGTELVKPGASAGVKLSCKASGYTFTNYDMNWVRQRPEQGLEWIGWIFPGDGSTRYNEKFKGKATLTTDKSSSTAY
QLNRLTSEDSAVYFCARRGFHGSYSFAYWGQGTLVTVSGAKTTAPSVYPLAPAAGAAGAGSSVTLGCLVKGYFPEPVTLT
WNSGSLSSGVHTFPAVLADLYTLSSSVTVTSSTWPAESITCNVAHPASSTKVDKKIEPRG
;
H
#
# COMPACT_ATOMS: atom_id res chain seq x y z
N ASP A 1 -15.73 11.90 19.69
CA ASP A 1 -14.41 11.38 19.23
C ASP A 1 -13.39 12.49 19.00
N ILE A 2 -12.24 12.39 19.66
CA ILE A 2 -11.20 13.37 19.47
C ILE A 2 -10.64 13.12 18.07
N VAL A 3 -10.20 14.16 17.39
CA VAL A 3 -9.67 14.00 16.05
C VAL A 3 -8.24 14.45 15.96
N MET A 4 -7.36 13.50 15.65
CA MET A 4 -5.96 13.81 15.54
C MET A 4 -5.68 14.13 14.07
N THR A 5 -5.19 15.34 13.82
CA THR A 5 -4.92 15.74 12.45
C THR A 5 -3.45 15.99 12.17
N GLN A 6 -2.95 15.26 11.17
CA GLN A 6 -1.58 15.40 10.72
C GLN A 6 -1.71 15.99 9.32
N SER A 7 -1.70 17.31 9.29
CA SER A 7 -1.87 18.11 8.07
C SER A 7 -0.96 17.80 6.89
N HIS A 8 0.06 16.99 7.10
CA HIS A 8 0.98 16.63 6.01
C HIS A 8 1.10 15.12 5.81
N LYS A 9 0.45 14.61 4.78
CA LYS A 9 0.50 13.18 4.47
C LYS A 9 1.95 12.82 4.18
N PHE A 10 2.67 13.72 3.51
CA PHE A 10 4.08 13.51 3.19
C PHE A 10 4.91 14.72 3.55
N MET A 11 6.17 14.50 3.85
CA MET A 11 7.08 15.58 4.19
C MET A 11 8.45 15.30 3.60
N SER A 12 8.93 16.21 2.76
CA SER A 12 10.23 16.05 2.11
C SER A 12 11.35 16.40 3.08
N THR A 13 12.34 15.54 3.16
CA THR A 13 13.47 15.77 4.05
C THR A 13 14.74 15.27 3.38
N SER A 14 15.85 15.35 4.11
CA SER A 14 17.13 14.88 3.60
C SER A 14 17.85 14.16 4.71
N VAL A 15 18.77 13.27 4.34
CA VAL A 15 19.55 12.54 5.33
C VAL A 15 20.52 13.53 5.97
N GLY A 16 20.62 13.49 7.29
CA GLY A 16 21.51 14.39 7.99
C GLY A 16 20.87 15.72 8.34
N ASP A 17 19.61 15.88 7.95
CA ASP A 17 18.88 17.12 8.22
C ASP A 17 17.86 16.97 9.35
N ARG A 18 17.29 18.09 9.79
CA ARG A 18 16.31 18.09 10.86
C ARG A 18 14.90 18.21 10.27
N VAL A 19 13.93 17.48 10.85
CA VAL A 19 12.55 17.54 10.37
C VAL A 19 11.57 17.46 11.54
N SER A 20 10.42 18.12 11.39
CA SER A 20 9.40 18.11 12.42
C SER A 20 8.01 17.88 11.89
N ILE A 21 7.40 16.80 12.38
CA ILE A 21 6.05 16.38 12.01
C ILE A 21 5.12 16.99 13.06
N THR A 22 3.97 17.50 12.62
CA THR A 22 3.04 18.09 13.57
C THR A 22 1.73 17.34 13.69
N CYS A 23 1.14 17.40 14.88
CA CYS A 23 -0.12 16.75 15.17
C CYS A 23 -1.01 17.70 15.94
N LYS A 24 -2.29 17.71 15.61
CA LYS A 24 -3.21 18.61 16.27
C LYS A 24 -4.48 17.90 16.72
N ALA A 25 -4.60 17.73 18.03
CA ALA A 25 -5.77 17.06 18.60
C ALA A 25 -6.95 18.00 18.60
N SER A 26 -8.12 17.49 18.23
CA SER A 26 -9.31 18.30 18.18
C SER A 26 -9.65 18.89 19.55
N GLN A 27 -9.12 18.28 20.60
CA GLN A 27 -9.37 18.75 21.97
C GLN A 27 -8.12 18.67 22.83
N ASP A 28 -8.16 19.28 24.01
CA ASP A 28 -7.01 19.23 24.89
C ASP A 28 -6.93 17.85 25.51
N VAL A 29 -6.00 17.04 25.02
CA VAL A 29 -5.79 15.69 25.51
C VAL A 29 -4.63 15.73 26.50
N ASN A 30 -4.37 16.94 26.99
CA ASN A 30 -3.31 17.15 27.96
C ASN A 30 -1.98 16.58 27.48
N THR A 31 -1.50 15.55 28.16
CA THR A 31 -0.24 14.94 27.81
C THR A 31 -0.38 13.47 27.40
N ALA A 32 -1.62 13.01 27.26
CA ALA A 32 -1.87 11.62 26.89
C ALA A 32 -1.74 11.43 25.38
N LEU A 33 -0.50 11.49 24.89
CA LEU A 33 -0.28 11.34 23.45
C LEU A 33 0.94 10.48 23.14
N ALA A 34 0.82 9.65 22.12
CA ALA A 34 1.93 8.79 21.73
C ALA A 34 2.28 8.90 20.26
N TRP A 35 3.54 8.63 19.94
CA TRP A 35 4.04 8.65 18.58
C TRP A 35 4.56 7.28 18.19
N TYR A 36 4.15 6.82 17.02
CA TYR A 36 4.57 5.52 16.50
C TYR A 36 5.23 5.68 15.13
N GLN A 37 6.12 4.74 14.80
CA GLN A 37 6.77 4.72 13.50
C GLN A 37 6.37 3.39 12.87
N GLN A 38 6.22 3.36 11.56
CA GLN A 38 5.87 2.11 10.90
C GLN A 38 6.53 2.00 9.52
N ILE A 39 7.14 0.85 9.26
CA ILE A 39 7.76 0.61 7.96
C ILE A 39 6.86 -0.38 7.25
N PRO A 40 6.86 -0.36 5.91
CA PRO A 40 6.03 -1.25 5.10
C PRO A 40 5.99 -2.69 5.58
N GLY A 41 4.77 -3.24 5.62
CA GLY A 41 4.56 -4.63 6.03
C GLY A 41 4.93 -5.00 7.46
N GLN A 42 5.07 -4.00 8.32
CA GLN A 42 5.41 -4.24 9.71
C GLN A 42 4.40 -3.56 10.61
N SER A 43 4.43 -3.89 11.90
CA SER A 43 3.51 -3.29 12.86
C SER A 43 4.10 -1.98 13.36
N PRO A 44 3.27 -1.12 13.96
CA PRO A 44 3.76 0.15 14.47
C PRO A 44 4.76 -0.07 15.61
N LYS A 45 5.69 0.86 15.77
CA LYS A 45 6.68 0.81 16.86
C LYS A 45 6.47 2.05 17.70
N LEU A 46 6.33 1.88 19.00
CA LEU A 46 6.14 3.02 19.88
C LEU A 46 7.43 3.82 19.98
N LEU A 47 7.38 5.11 19.73
CA LEU A 47 8.58 5.92 19.82
C LEU A 47 8.48 6.91 20.98
N ILE A 48 7.29 7.46 21.21
CA ILE A 48 7.11 8.44 22.26
C ILE A 48 5.84 8.18 23.08
N TYR A 49 5.97 8.20 24.40
CA TYR A 49 4.81 8.00 25.26
C TYR A 49 4.61 9.25 26.11
N SER A 50 3.37 9.52 26.48
CA SER A 50 3.00 10.69 27.27
C SER A 50 3.55 12.02 26.74
N ALA A 51 3.25 12.30 25.48
CA ALA A 51 3.64 13.54 24.82
C ALA A 51 5.10 13.80 24.49
N SER A 52 6.01 13.56 25.44
CA SER A 52 7.40 13.86 25.17
C SER A 52 8.43 12.93 25.80
N ASN A 53 8.09 11.66 25.95
CA ASN A 53 9.01 10.69 26.56
C ASN A 53 9.43 9.61 25.58
N ARG A 54 10.74 9.44 25.41
CA ARG A 54 11.27 8.42 24.51
C ARG A 54 11.03 7.05 25.14
N TYR A 55 10.56 6.10 24.34
CA TYR A 55 10.36 4.78 24.87
C TYR A 55 11.74 4.17 24.93
N THR A 56 11.88 3.06 25.64
CA THR A 56 13.17 2.40 25.76
C THR A 56 13.71 2.01 24.39
N GLY A 57 15.02 2.12 24.23
CA GLY A 57 15.66 1.75 22.98
C GLY A 57 15.52 2.77 21.86
N VAL A 58 14.64 3.75 22.02
CA VAL A 58 14.45 4.78 21.01
C VAL A 58 15.59 5.79 21.04
N PRO A 59 16.42 5.83 19.97
CA PRO A 59 17.57 6.72 19.82
C PRO A 59 17.33 8.20 20.09
N ASP A 60 18.34 8.85 20.66
CA ASP A 60 18.28 10.27 21.03
C ASP A 60 17.87 11.22 19.91
N ARG A 61 17.97 10.76 18.66
CA ARG A 61 17.60 11.61 17.53
C ARG A 61 16.10 11.88 17.53
N PHE A 62 15.32 10.99 18.13
CA PHE A 62 13.87 11.18 18.16
C PHE A 62 13.40 11.99 19.38
N THR A 63 12.62 13.03 19.12
CA THR A 63 12.11 13.90 20.16
C THR A 63 10.66 14.24 19.90
N ALA A 64 9.94 14.62 20.94
CA ALA A 64 8.55 15.00 20.82
C ALA A 64 8.28 16.08 21.85
N SER A 65 7.32 16.93 21.58
CA SER A 65 6.99 18.00 22.51
C SER A 65 5.53 18.31 22.39
N GLY A 66 5.07 19.26 23.18
CA GLY A 66 3.69 19.65 23.15
C GLY A 66 2.97 19.08 24.36
N SER A 67 1.83 19.69 24.65
CA SER A 67 0.98 19.29 25.76
C SER A 67 -0.21 20.19 25.66
N GLY A 68 -1.34 19.62 25.29
CA GLY A 68 -2.54 20.41 25.15
C GLY A 68 -3.29 20.02 23.90
N THR A 69 -3.16 20.83 22.86
CA THR A 69 -3.86 20.55 21.63
C THR A 69 -2.93 20.43 20.43
N ASP A 70 -1.71 20.93 20.58
CA ASP A 70 -0.71 20.87 19.52
C ASP A 70 0.51 20.09 19.95
N PHE A 71 0.91 19.13 19.12
CA PHE A 71 2.07 18.30 19.43
C PHE A 71 2.98 18.20 18.21
N THR A 72 4.28 18.00 18.45
CA THR A 72 5.23 17.89 17.36
C THR A 72 6.33 16.86 17.59
N PHE A 73 6.54 16.02 16.58
CA PHE A 73 7.55 14.97 16.58
C PHE A 73 8.75 15.54 15.83
N THR A 74 9.95 15.32 16.36
CA THR A 74 11.14 15.87 15.72
C THR A 74 12.30 14.90 15.63
N ILE A 75 13.05 14.99 14.53
CA ILE A 75 14.22 14.15 14.30
C ILE A 75 15.41 15.09 14.07
N SER A 76 16.29 15.19 15.06
CA SER A 76 17.47 16.06 15.03
C SER A 76 18.24 15.96 13.71
N SER A 77 18.61 14.73 13.34
CA SER A 77 19.34 14.45 12.11
C SER A 77 18.82 13.15 11.47
N VAL A 78 18.02 13.31 10.41
CA VAL A 78 17.42 12.18 9.69
C VAL A 78 18.42 11.17 9.14
N GLN A 79 18.15 9.89 9.38
CA GLN A 79 18.99 8.81 8.87
C GLN A 79 18.16 8.02 7.87
N ALA A 80 18.85 7.30 6.99
CA ALA A 80 18.20 6.49 5.95
C ALA A 80 16.95 5.73 6.41
N GLU A 81 17.07 5.01 7.51
CA GLU A 81 15.96 4.22 8.05
C GLU A 81 14.82 5.01 8.72
N ASP A 82 14.89 6.33 8.66
CA ASP A 82 13.83 7.14 9.28
C ASP A 82 12.76 7.57 8.28
N LEU A 83 12.99 7.23 7.02
CA LEU A 83 12.06 7.58 5.95
C LEU A 83 10.86 6.64 5.96
N ALA A 84 10.05 6.74 6.99
CA ALA A 84 8.88 5.90 7.13
C ALA A 84 7.66 6.70 7.55
N LEU A 85 6.62 5.99 7.96
CA LEU A 85 5.38 6.60 8.41
C LEU A 85 5.43 6.82 9.93
N TYR A 86 4.91 7.96 10.38
CA TYR A 86 4.86 8.27 11.81
C TYR A 86 3.42 8.59 12.15
N TYR A 87 2.87 7.90 13.13
CA TYR A 87 1.49 8.10 13.57
C TYR A 87 1.32 8.75 14.94
N CYS A 88 0.32 9.62 15.01
CA CYS A 88 -0.07 10.35 16.19
C CYS A 88 -1.22 9.55 16.83
N GLN A 89 -1.31 9.54 18.16
CA GLN A 89 -2.41 8.83 18.83
C GLN A 89 -2.68 9.40 20.20
N GLN A 90 -3.94 9.73 20.46
CA GLN A 90 -4.28 10.26 21.78
C GLN A 90 -4.90 9.15 22.61
N HIS A 91 -4.51 9.07 23.88
CA HIS A 91 -5.05 8.07 24.78
C HIS A 91 -5.50 8.76 26.07
N TYR A 92 -6.21 9.87 25.89
CA TYR A 92 -6.73 10.68 26.99
C TYR A 92 -8.10 10.15 27.37
N THR A 93 -8.98 10.06 26.37
CA THR A 93 -10.33 9.56 26.59
C THR A 93 -10.71 8.64 25.44
N THR A 94 -11.41 7.55 25.73
CA THR A 94 -11.82 6.64 24.67
C THR A 94 -12.91 7.28 23.85
N PRO A 95 -13.04 6.86 22.58
CA PRO A 95 -12.20 5.85 21.92
C PRO A 95 -10.84 6.40 21.49
N TRP A 96 -9.80 5.57 21.60
CA TRP A 96 -8.46 6.00 21.19
C TRP A 96 -8.54 6.32 19.71
N THR A 97 -7.93 7.42 19.29
CA THR A 97 -7.94 7.77 17.87
C THR A 97 -6.53 8.07 17.39
N PHE A 98 -6.22 7.65 16.16
CA PHE A 98 -4.89 7.85 15.59
C PHE A 98 -4.94 8.94 14.52
N GLY A 99 -3.82 9.63 14.33
CA GLY A 99 -3.77 10.64 13.29
C GLY A 99 -3.69 9.90 11.96
N GLY A 100 -3.79 10.62 10.84
CA GLY A 100 -3.75 9.96 9.55
C GLY A 100 -2.36 9.55 9.10
N GLY A 101 -1.35 9.89 9.87
CA GLY A 101 0.01 9.52 9.52
C GLY A 101 0.73 10.48 8.59
N THR A 102 2.06 10.57 8.74
CA THR A 102 2.91 11.42 7.91
C THR A 102 4.10 10.61 7.42
N LYS A 103 4.22 10.46 6.11
CA LYS A 103 5.31 9.70 5.52
C LYS A 103 6.47 10.64 5.17
N LEU A 104 7.64 10.37 5.73
CA LEU A 104 8.82 11.19 5.41
C LEU A 104 9.42 10.64 4.13
N GLU A 105 9.73 11.52 3.19
CA GLU A 105 10.33 11.09 1.94
C GLU A 105 11.58 11.94 1.62
N ILE A 106 12.51 11.34 0.89
CA ILE A 106 13.76 11.99 0.50
C ILE A 106 13.53 13.00 -0.62
N LYS A 107 14.01 14.22 -0.46
CA LYS A 107 13.85 15.23 -1.49
C LYS A 107 15.03 15.07 -2.48
N ARG A 108 14.73 15.13 -3.77
CA ARG A 108 15.73 15.01 -4.80
C ARG A 108 15.40 15.95 -5.96
N ALA A 109 16.27 15.94 -6.97
CA ALA A 109 16.11 16.77 -8.15
C ALA A 109 14.82 16.40 -8.88
N ASP A 110 14.14 17.40 -9.42
CA ASP A 110 12.91 17.14 -10.16
C ASP A 110 13.26 16.20 -11.31
N ALA A 111 12.33 15.30 -11.62
CA ALA A 111 12.55 14.33 -12.70
C ALA A 111 11.24 14.10 -13.44
N ALA A 112 11.23 14.33 -14.75
CA ALA A 112 10.04 14.14 -15.55
C ALA A 112 9.75 12.65 -15.68
N PRO A 113 8.48 12.27 -15.70
CA PRO A 113 8.15 10.85 -15.84
C PRO A 113 8.38 10.40 -17.27
N THR A 114 8.77 9.14 -17.43
CA THR A 114 8.92 8.60 -18.78
C THR A 114 7.54 7.95 -18.96
N VAL A 115 6.77 8.38 -19.95
CA VAL A 115 5.42 7.84 -20.16
C VAL A 115 5.38 6.91 -21.37
N SER A 116 4.75 5.75 -21.19
CA SER A 116 4.64 4.75 -22.24
C SER A 116 3.19 4.24 -22.25
N ILE A 117 2.58 4.15 -23.43
CA ILE A 117 1.19 3.67 -23.53
C ILE A 117 1.17 2.39 -24.35
N PHE A 118 0.30 1.46 -23.96
CA PHE A 118 0.22 0.18 -24.64
C PHE A 118 -1.20 -0.23 -24.99
N PRO A 119 -1.44 -0.53 -26.27
CA PRO A 119 -2.76 -0.96 -26.73
C PRO A 119 -3.03 -2.36 -26.21
N PRO A 120 -4.29 -2.81 -26.29
CA PRO A 120 -4.66 -4.14 -25.83
C PRO A 120 -3.93 -5.19 -26.67
N SER A 121 -3.51 -6.30 -26.05
CA SER A 121 -2.83 -7.36 -26.80
C SER A 121 -3.89 -8.19 -27.52
N SER A 122 -3.50 -8.86 -28.59
CA SER A 122 -4.42 -9.70 -29.37
C SER A 122 -4.96 -10.83 -28.51
N GLU A 123 -4.12 -11.31 -27.61
CA GLU A 123 -4.52 -12.40 -26.74
C GLU A 123 -5.66 -11.97 -25.82
N GLN A 124 -5.62 -10.74 -25.29
CA GLN A 124 -6.70 -10.30 -24.41
C GLN A 124 -7.98 -10.02 -25.21
N LEU A 125 -7.83 -9.44 -26.40
CA LEU A 125 -8.99 -9.13 -27.24
C LEU A 125 -9.79 -10.39 -27.56
N THR A 126 -9.10 -11.53 -27.70
CA THR A 126 -9.79 -12.78 -28.01
C THR A 126 -10.66 -13.23 -26.85
N SER A 127 -10.32 -12.80 -25.64
CA SER A 127 -11.10 -13.17 -24.45
C SER A 127 -12.21 -12.16 -24.20
N GLY A 128 -12.33 -11.18 -25.10
CA GLY A 128 -13.36 -10.16 -24.96
C GLY A 128 -12.94 -9.01 -24.05
N GLY A 129 -11.65 -8.94 -23.76
CA GLY A 129 -11.14 -7.88 -22.90
C GLY A 129 -10.26 -6.88 -23.63
N ALA A 130 -10.21 -5.65 -23.13
CA ALA A 130 -9.40 -4.62 -23.75
C ALA A 130 -8.84 -3.62 -22.75
N SER A 131 -7.62 -3.89 -22.30
CA SER A 131 -6.95 -3.01 -21.34
C SER A 131 -5.87 -2.16 -22.00
N VAL A 132 -5.93 -0.86 -21.77
CA VAL A 132 -4.92 0.03 -22.32
C VAL A 132 -4.05 0.39 -21.12
N VAL A 133 -2.75 0.11 -21.21
CA VAL A 133 -1.85 0.38 -20.09
C VAL A 133 -0.93 1.56 -20.32
N CYS A 134 -0.76 2.38 -19.29
CA CYS A 134 0.12 3.54 -19.35
C CYS A 134 1.08 3.54 -18.19
N PHE A 135 2.37 3.53 -18.48
CA PHE A 135 3.36 3.58 -17.42
C PHE A 135 3.90 4.99 -17.31
N LEU A 136 4.07 5.44 -16.08
CA LEU A 136 4.64 6.78 -15.81
C LEU A 136 5.72 6.47 -14.81
N ASN A 137 6.96 6.38 -15.30
CA ASN A 137 8.06 5.98 -14.42
C ASN A 137 9.19 6.94 -14.08
N ASN A 138 9.72 6.74 -12.88
CA ASN A 138 10.86 7.48 -12.40
C ASN A 138 10.68 8.99 -12.37
N PHE A 139 9.60 9.45 -11.73
CA PHE A 139 9.35 10.87 -11.65
C PHE A 139 9.47 11.38 -10.20
N TYR A 140 9.67 12.70 -10.08
CA TYR A 140 9.77 13.37 -8.80
C TYR A 140 9.56 14.86 -9.04
N PRO A 141 8.75 15.53 -8.21
CA PRO A 141 8.02 15.07 -7.01
C PRO A 141 6.91 14.06 -7.36
N LYS A 142 6.31 13.47 -6.33
CA LYS A 142 5.24 12.45 -6.46
C LYS A 142 3.95 13.01 -7.03
N ASP A 143 3.80 14.32 -6.90
CA ASP A 143 2.60 15.03 -7.38
C ASP A 143 2.44 14.82 -8.88
N ILE A 144 1.39 14.15 -9.29
CA ILE A 144 1.18 13.92 -10.70
C ILE A 144 -0.31 13.72 -10.93
N ASN A 145 -0.78 14.02 -12.13
CA ASN A 145 -2.20 13.86 -12.42
C ASN A 145 -2.31 13.12 -13.73
N VAL A 146 -2.97 11.96 -13.70
CA VAL A 146 -3.12 11.19 -14.92
C VAL A 146 -4.55 11.21 -15.43
N LYS A 147 -4.72 11.62 -16.68
CA LYS A 147 -6.03 11.66 -17.27
C LYS A 147 -6.05 10.78 -18.51
N TRP A 148 -7.20 10.17 -18.76
CA TRP A 148 -7.39 9.34 -19.93
C TRP A 148 -8.36 10.07 -20.84
N ALA A 149 -8.09 10.04 -22.14
CA ALA A 149 -8.96 10.68 -23.11
C ALA A 149 -9.29 9.65 -24.18
N ILE A 150 -10.57 9.51 -24.48
CA ILE A 150 -11.01 8.56 -25.49
C ILE A 150 -11.71 9.41 -26.55
N ASP A 151 -11.20 9.40 -27.78
CA ASP A 151 -11.78 10.22 -28.84
C ASP A 151 -11.87 11.68 -28.39
N GLY A 152 -11.05 12.07 -27.42
CA GLY A 152 -11.08 13.45 -26.97
C GLY A 152 -11.70 13.71 -25.61
N ALA A 153 -12.80 13.02 -25.32
CA ALA A 153 -13.48 13.20 -24.03
C ALA A 153 -12.73 12.45 -22.93
N GLU A 154 -12.68 13.04 -21.75
CA GLU A 154 -12.00 12.43 -20.62
C GLU A 154 -12.82 11.26 -20.08
N ARG A 155 -12.14 10.16 -19.79
CA ARG A 155 -12.76 8.95 -19.29
C ARG A 155 -12.29 8.64 -17.88
N ALA A 156 -13.24 8.48 -16.96
CA ALA A 156 -12.92 8.17 -15.56
C ALA A 156 -13.41 6.78 -15.14
N GLY A 157 -14.33 6.20 -15.91
CA GLY A 157 -14.83 4.88 -15.57
C GLY A 157 -13.99 3.75 -16.12
N GLY A 158 -13.54 2.83 -15.25
CA GLY A 158 -12.74 1.72 -15.71
C GLY A 158 -11.23 1.93 -15.60
N VAL A 159 -10.84 3.01 -14.92
CA VAL A 159 -9.42 3.31 -14.72
C VAL A 159 -8.93 2.76 -13.39
N LEU A 160 -7.85 1.98 -13.41
CA LEU A 160 -7.27 1.42 -12.18
C LEU A 160 -5.81 1.88 -12.13
N ASN A 161 -5.44 2.57 -11.05
CA ASN A 161 -4.10 3.10 -10.86
C ASN A 161 -3.29 2.36 -9.80
N SER A 162 -1.99 2.19 -10.02
CA SER A 162 -1.15 1.56 -9.01
C SER A 162 0.18 2.28 -9.00
N PHE A 163 0.81 2.37 -7.84
CA PHE A 163 2.09 3.03 -7.77
C PHE A 163 2.99 2.43 -6.73
N THR A 164 4.27 2.69 -6.90
CA THR A 164 5.25 2.19 -5.96
C THR A 164 5.70 3.31 -5.05
N GLY A 165 6.13 2.95 -3.86
CA GLY A 165 6.58 3.96 -2.93
C GLY A 165 7.88 4.51 -3.49
N GLN A 166 8.38 5.57 -2.88
CA GLN A 166 9.63 6.20 -3.31
C GLN A 166 10.70 5.13 -3.41
N ASP A 167 11.46 5.14 -4.49
CA ASP A 167 12.50 4.13 -4.66
C ASP A 167 13.62 4.36 -3.64
N SER A 168 14.11 3.29 -3.03
CA SER A 168 15.15 3.42 -2.03
C SER A 168 16.51 3.72 -2.63
N LYS A 169 16.65 3.55 -3.94
CA LYS A 169 17.90 3.80 -4.64
C LYS A 169 17.99 5.17 -5.33
N ASP A 170 17.03 5.46 -6.22
CA ASP A 170 17.03 6.75 -6.94
C ASP A 170 16.00 7.79 -6.46
N SER A 171 15.36 7.50 -5.33
CA SER A 171 14.37 8.37 -4.72
C SER A 171 13.23 8.90 -5.61
N THR A 172 12.90 8.15 -6.67
CA THR A 172 11.81 8.55 -7.56
C THR A 172 10.56 7.77 -7.26
N TYR A 173 9.50 8.05 -8.00
CA TYR A 173 8.24 7.33 -7.82
C TYR A 173 7.88 6.83 -9.21
N SER A 174 7.00 5.84 -9.26
CA SER A 174 6.55 5.31 -10.54
C SER A 174 5.08 4.96 -10.39
N MET A 175 4.42 4.85 -11.53
CA MET A 175 3.01 4.61 -11.46
C MET A 175 2.52 3.93 -12.71
N SER A 176 1.44 3.17 -12.54
CA SER A 176 0.84 2.46 -13.66
C SER A 176 -0.63 2.85 -13.68
N SER A 177 -1.14 3.14 -14.86
CA SER A 177 -2.55 3.50 -15.00
C SER A 177 -3.10 2.63 -16.12
N THR A 178 -4.15 1.89 -15.79
CA THR A 178 -4.77 0.98 -16.74
C THR A 178 -6.24 1.29 -17.00
N LEU A 179 -6.58 1.47 -18.27
CA LEU A 179 -7.96 1.74 -18.68
C LEU A 179 -8.50 0.39 -19.16
N THR A 180 -9.45 -0.19 -18.45
CA THR A 180 -9.98 -1.47 -18.85
C THR A 180 -11.42 -1.44 -19.34
N LEU A 181 -11.59 -1.69 -20.64
CA LEU A 181 -12.92 -1.72 -21.26
C LEU A 181 -13.17 -3.11 -21.77
N THR A 182 -14.34 -3.34 -22.32
CA THR A 182 -14.65 -4.63 -22.90
C THR A 182 -14.19 -4.44 -24.34
N LYS A 183 -14.00 -5.53 -25.07
CA LYS A 183 -13.60 -5.44 -26.46
C LYS A 183 -14.70 -4.70 -27.22
N ASP A 184 -15.95 -4.95 -26.85
CA ASP A 184 -17.09 -4.30 -27.50
C ASP A 184 -16.91 -2.77 -27.51
N GLU A 185 -16.76 -2.17 -26.32
CA GLU A 185 -16.58 -0.73 -26.24
C GLU A 185 -15.24 -0.25 -26.77
N TYR A 186 -14.20 -1.03 -26.57
CA TYR A 186 -12.89 -0.63 -27.06
C TYR A 186 -12.94 -0.42 -28.58
N GLU A 187 -13.61 -1.32 -29.28
CA GLU A 187 -13.72 -1.25 -30.74
C GLU A 187 -14.71 -0.21 -31.27
N ARG A 188 -15.37 0.52 -30.36
CA ARG A 188 -16.32 1.54 -30.79
C ARG A 188 -15.70 2.93 -30.70
N HIS A 189 -14.41 2.97 -30.37
CA HIS A 189 -13.66 4.23 -30.27
C HIS A 189 -12.39 4.09 -31.07
N ALA A 190 -11.73 5.19 -31.36
CA ALA A 190 -10.52 5.13 -32.16
C ALA A 190 -9.26 5.71 -31.49
N SER A 191 -9.44 6.82 -30.80
CA SER A 191 -8.33 7.51 -30.15
C SER A 191 -8.20 7.32 -28.64
N TYR A 192 -7.04 6.82 -28.21
CA TYR A 192 -6.78 6.60 -26.80
C TYR A 192 -5.53 7.34 -26.34
N THR A 193 -5.73 8.24 -25.39
CA THR A 193 -4.65 9.07 -24.88
C THR A 193 -4.47 8.97 -23.37
N CYS A 194 -3.21 8.90 -22.95
CA CYS A 194 -2.80 8.89 -21.53
C CYS A 194 -2.15 10.25 -21.36
N GLU A 195 -2.65 11.07 -20.44
CA GLU A 195 -2.07 12.41 -20.25
C GLU A 195 -1.53 12.67 -18.85
N ALA A 196 -0.23 12.91 -18.76
CA ALA A 196 0.40 13.17 -17.47
C ALA A 196 0.72 14.64 -17.22
N THR A 197 0.20 15.17 -16.12
CA THR A 197 0.46 16.54 -15.74
C THR A 197 1.46 16.50 -14.60
N HIS A 198 2.66 17.03 -14.81
CA HIS A 198 3.71 17.04 -13.79
C HIS A 198 4.43 18.40 -13.84
N LYS A 199 4.87 18.89 -12.69
CA LYS A 199 5.54 20.21 -12.63
C LYS A 199 6.76 20.34 -13.56
N THR A 200 7.34 19.21 -13.98
CA THR A 200 8.51 19.27 -14.84
C THR A 200 8.28 19.77 -16.27
N SER A 201 7.02 20.02 -16.64
CA SER A 201 6.75 20.55 -17.98
C SER A 201 5.47 21.37 -17.97
N THR A 202 5.49 22.49 -18.69
CA THR A 202 4.33 23.37 -18.78
C THR A 202 3.18 22.64 -19.42
N ALA A 203 3.51 21.89 -20.48
CA ALA A 203 2.52 21.13 -21.21
C ALA A 203 2.53 19.70 -20.67
N PRO A 204 1.36 19.15 -20.37
CA PRO A 204 1.28 17.79 -19.85
C PRO A 204 1.90 16.79 -20.83
N ILE A 205 2.49 15.71 -20.30
CA ILE A 205 3.11 14.70 -21.15
C ILE A 205 1.98 13.86 -21.73
N VAL A 206 1.94 13.75 -23.05
CA VAL A 206 0.87 12.99 -23.70
C VAL A 206 1.35 11.85 -24.60
N LYS A 207 0.74 10.67 -24.44
CA LYS A 207 1.05 9.51 -25.26
C LYS A 207 -0.28 8.96 -25.76
N SER A 208 -0.35 8.65 -27.06
CA SER A 208 -1.57 8.15 -27.67
C SER A 208 -1.33 7.14 -28.76
N PHE A 209 -2.43 6.72 -29.38
CA PHE A 209 -2.39 5.77 -30.47
C PHE A 209 -3.80 5.66 -31.02
N ASN A 210 -3.92 5.25 -32.28
CA ASN A 210 -5.22 5.09 -32.89
C ASN A 210 -5.46 3.63 -33.18
N ARG A 211 -6.63 3.12 -32.82
CA ARG A 211 -6.96 1.73 -33.08
C ARG A 211 -6.64 1.40 -34.54
N GLY A 212 -5.92 0.30 -34.76
CA GLY A 212 -5.58 -0.11 -36.11
C GLY A 212 -4.64 0.80 -36.89
N ALA A 213 -4.15 1.86 -36.25
CA ALA A 213 -3.24 2.79 -36.91
C ALA A 213 -1.86 2.69 -36.27
N ALA A 214 -0.84 2.47 -37.10
CA ALA A 214 0.52 2.34 -36.60
C ALA A 214 1.12 3.71 -36.31
N ALA B 1 11.54 -10.50 27.29
CA ALA B 1 11.21 -10.84 25.87
C ALA B 1 9.70 -10.95 25.63
N VAL B 2 8.99 -9.85 25.85
CA VAL B 2 7.54 -9.82 25.63
C VAL B 2 7.29 -10.08 24.16
N HIS B 3 6.30 -10.91 23.85
CA HIS B 3 6.01 -11.24 22.46
C HIS B 3 4.55 -11.56 22.23
N LEU B 4 4.02 -11.07 21.12
CA LEU B 4 2.64 -11.29 20.74
C LEU B 4 2.61 -11.93 19.35
N GLN B 5 2.22 -13.19 19.31
CA GLN B 5 2.15 -13.95 18.05
C GLN B 5 0.73 -13.97 17.50
N GLY B 6 0.52 -13.30 16.36
CA GLY B 6 -0.79 -13.27 15.74
C GLY B 6 -0.98 -14.45 14.80
N THR B 7 -2.18 -14.62 14.26
CA THR B 7 -2.49 -15.74 13.36
C THR B 7 -2.21 -15.43 11.88
N GLU B 8 -1.97 -16.48 11.10
CA GLU B 8 -1.70 -16.35 9.68
C GLU B 8 -2.90 -15.66 9.02
N LEU B 9 -2.71 -15.18 7.79
CA LEU B 9 -3.79 -14.50 7.10
C LEU B 9 -4.86 -15.47 6.63
N VAL B 10 -6.10 -14.99 6.53
CA VAL B 10 -7.21 -15.83 6.10
C VAL B 10 -8.06 -15.13 5.05
N LYS B 11 -8.73 -15.91 4.22
CA LYS B 11 -9.57 -15.35 3.14
C LYS B 11 -11.04 -15.70 3.29
N PRO B 12 -11.76 -15.06 4.23
CA PRO B 12 -13.18 -15.34 4.42
C PRO B 12 -14.06 -14.82 3.29
N GLY B 13 -15.22 -15.46 3.10
CA GLY B 13 -16.14 -15.05 2.06
C GLY B 13 -16.97 -13.85 2.51
N ALA B 14 -17.40 -13.04 1.56
CA ALA B 14 -18.21 -11.86 1.87
C ALA B 14 -19.52 -12.29 2.49
N SER B 15 -19.47 -12.69 3.76
CA SER B 15 -20.68 -13.13 4.44
C SER B 15 -20.48 -13.55 5.89
N ALA B 16 -19.54 -14.47 6.12
CA ALA B 16 -19.29 -14.96 7.47
C ALA B 16 -18.24 -14.14 8.24
N GLY B 17 -17.92 -14.60 9.45
CA GLY B 17 -16.92 -13.92 10.27
C GLY B 17 -15.75 -14.83 10.57
N VAL B 18 -14.66 -14.28 11.12
CA VAL B 18 -13.48 -15.08 11.44
C VAL B 18 -12.85 -14.71 12.78
N LYS B 19 -12.57 -15.71 13.60
CA LYS B 19 -11.99 -15.49 14.91
C LYS B 19 -10.46 -15.50 14.82
N LEU B 20 -9.84 -14.33 15.04
CA LEU B 20 -8.39 -14.20 14.97
C LEU B 20 -7.74 -14.52 16.31
N SER B 21 -6.45 -14.83 16.28
CA SER B 21 -5.75 -15.17 17.51
C SER B 21 -4.51 -14.35 17.81
N CYS B 22 -4.16 -14.28 19.09
CA CYS B 22 -2.98 -13.56 19.56
C CYS B 22 -2.40 -14.27 20.78
N LYS B 23 -1.26 -14.93 20.62
CA LYS B 23 -0.62 -15.64 21.71
C LYS B 23 0.44 -14.82 22.44
N ALA B 24 0.05 -14.26 23.59
CA ALA B 24 0.96 -13.46 24.39
C ALA B 24 2.01 -14.38 25.01
N SER B 25 3.20 -13.85 25.26
CA SER B 25 4.26 -14.65 25.86
C SER B 25 5.36 -13.77 26.44
N GLY B 26 6.03 -14.27 27.48
CA GLY B 26 7.10 -13.51 28.11
C GLY B 26 6.64 -12.68 29.29
N TYR B 27 5.35 -12.71 29.61
CA TYR B 27 4.80 -11.96 30.73
C TYR B 27 3.50 -12.60 31.20
N THR B 28 3.14 -12.37 32.48
CA THR B 28 1.91 -12.91 33.03
C THR B 28 0.73 -12.33 32.28
N PHE B 29 0.17 -13.14 31.38
CA PHE B 29 -0.94 -12.75 30.53
C PHE B 29 -2.05 -11.95 31.19
N THR B 30 -2.42 -12.35 32.40
CA THR B 30 -3.52 -11.69 33.10
C THR B 30 -3.20 -10.32 33.70
N ASN B 31 -1.93 -9.92 33.72
CA ASN B 31 -1.57 -8.62 34.27
C ASN B 31 -1.81 -7.42 33.35
N TYR B 32 -2.05 -7.68 32.07
CA TYR B 32 -2.30 -6.58 31.14
C TYR B 32 -3.49 -6.86 30.24
N ASP B 33 -4.20 -5.80 29.87
CA ASP B 33 -5.35 -5.94 28.99
C ASP B 33 -4.86 -5.97 27.54
N MET B 34 -5.53 -6.76 26.70
CA MET B 34 -5.14 -6.87 25.30
C MET B 34 -5.98 -5.92 24.47
N ASN B 35 -5.36 -5.31 23.47
CA ASN B 35 -6.07 -4.39 22.60
C ASN B 35 -5.99 -4.86 21.16
N TRP B 36 -6.92 -4.41 20.35
CA TRP B 36 -6.93 -4.76 18.94
C TRP B 36 -7.11 -3.48 18.12
N VAL B 37 -6.35 -3.37 17.03
CA VAL B 37 -6.40 -2.21 16.17
C VAL B 37 -6.56 -2.64 14.71
N ARG B 38 -7.33 -1.86 13.95
CA ARG B 38 -7.56 -2.15 12.54
C ARG B 38 -6.77 -1.17 11.68
N GLN B 39 -6.27 -1.64 10.54
CA GLN B 39 -5.53 -0.76 9.63
C GLN B 39 -5.90 -1.02 8.18
N ARG B 40 -6.62 -0.08 7.57
CA ARG B 40 -7.01 -0.18 6.17
C ARG B 40 -6.16 0.84 5.44
N PRO B 41 -5.92 0.61 4.14
CA PRO B 41 -5.10 1.52 3.33
C PRO B 41 -5.59 2.96 3.22
N GLU B 42 -6.91 3.14 3.18
CA GLU B 42 -7.51 4.46 3.04
C GLU B 42 -7.92 5.15 4.34
N GLN B 43 -8.19 4.37 5.38
CA GLN B 43 -8.64 4.93 6.67
C GLN B 43 -7.60 4.97 7.81
N GLY B 44 -6.39 4.47 7.54
CA GLY B 44 -5.36 4.47 8.57
C GLY B 44 -5.63 3.54 9.73
N LEU B 45 -5.05 3.85 10.90
CA LEU B 45 -5.24 3.03 12.08
C LEU B 45 -6.45 3.43 12.93
N GLU B 46 -7.23 2.44 13.35
CA GLU B 46 -8.40 2.66 14.17
C GLU B 46 -8.47 1.65 15.30
N TRP B 47 -8.55 2.14 16.53
CA TRP B 47 -8.61 1.29 17.70
C TRP B 47 -9.95 0.57 17.73
N ILE B 48 -9.91 -0.71 18.08
CA ILE B 48 -11.15 -1.50 18.13
C ILE B 48 -11.69 -1.70 19.55
N GLY B 49 -10.83 -2.15 20.46
CA GLY B 49 -11.26 -2.37 21.83
C GLY B 49 -10.24 -3.11 22.69
N TRP B 50 -10.50 -3.24 23.99
CA TRP B 50 -9.57 -3.95 24.87
C TRP B 50 -10.24 -5.08 25.63
N ILE B 51 -9.42 -5.93 26.26
CA ILE B 51 -9.93 -7.08 27.03
C ILE B 51 -9.04 -7.36 28.24
N PHE B 52 -9.65 -7.60 29.39
CA PHE B 52 -8.87 -7.91 30.58
C PHE B 52 -8.90 -9.40 30.86
N PRO B 53 -7.77 -10.10 30.68
CA PRO B 53 -7.76 -11.54 30.95
C PRO B 53 -8.00 -11.86 32.42
N GLY B 54 -7.79 -10.85 33.27
CA GLY B 54 -8.03 -11.03 34.69
C GLY B 54 -9.54 -11.00 34.84
N ASP B 55 -10.16 -10.53 33.75
CA ASP B 55 -11.61 -10.42 33.60
C ASP B 55 -12.26 -9.14 34.09
N GLY B 56 -12.31 -8.19 33.17
CA GLY B 56 -12.94 -6.90 33.37
C GLY B 56 -13.62 -6.84 32.02
N SER B 57 -13.63 -8.01 31.40
CA SER B 57 -14.20 -8.26 30.09
C SER B 57 -13.73 -7.27 29.03
N THR B 58 -14.62 -6.44 28.53
CA THR B 58 -14.26 -5.50 27.47
C THR B 58 -14.80 -4.08 27.55
N ARG B 59 -14.62 -3.38 26.44
CA ARG B 59 -15.07 -2.01 26.22
C ARG B 59 -14.65 -1.73 24.78
N TYR B 60 -15.63 -1.70 23.89
CA TYR B 60 -15.38 -1.48 22.47
C TYR B 60 -15.51 -0.04 22.01
N ASN B 61 -15.01 0.19 20.80
CA ASN B 61 -15.05 1.49 20.15
C ASN B 61 -16.45 1.59 19.55
N GLU B 62 -17.05 2.77 19.66
CA GLU B 62 -18.39 3.01 19.13
C GLU B 62 -18.53 2.38 17.74
N LYS B 63 -17.63 2.78 16.85
CA LYS B 63 -17.62 2.33 15.47
C LYS B 63 -17.60 0.82 15.21
N PHE B 64 -17.05 0.05 16.13
CA PHE B 64 -16.99 -1.41 15.95
C PHE B 64 -17.99 -2.15 16.83
N LYS B 65 -19.13 -1.48 17.05
CA LYS B 65 -20.23 -1.99 17.86
C LYS B 65 -20.28 -3.51 18.01
N GLY B 66 -21.12 -4.16 17.20
CA GLY B 66 -21.24 -5.60 17.29
C GLY B 66 -20.44 -6.34 16.25
N LYS B 67 -19.85 -5.61 15.31
CA LYS B 67 -19.07 -6.26 14.28
C LYS B 67 -17.76 -6.77 14.87
N ALA B 68 -17.47 -6.36 16.11
CA ALA B 68 -16.25 -6.79 16.78
C ALA B 68 -16.50 -7.01 18.27
N THR B 69 -16.81 -8.25 18.61
CA THR B 69 -17.05 -8.62 20.00
C THR B 69 -15.88 -9.49 20.47
N LEU B 70 -14.87 -8.83 21.02
CA LEU B 70 -13.66 -9.51 21.51
C LEU B 70 -13.92 -10.63 22.51
N THR B 71 -12.89 -11.44 22.72
CA THR B 71 -12.94 -12.57 23.64
C THR B 71 -11.53 -13.05 23.93
N THR B 72 -11.33 -13.72 25.06
CA THR B 72 -10.00 -14.22 25.41
C THR B 72 -10.07 -15.58 26.09
N ASP B 73 -8.91 -16.07 26.53
CA ASP B 73 -8.84 -17.35 27.22
C ASP B 73 -7.49 -17.56 27.88
N LYS B 74 -7.50 -17.61 29.21
CA LYS B 74 -6.28 -17.83 29.97
C LYS B 74 -5.86 -19.29 29.75
N SER B 75 -4.95 -19.77 30.60
CA SER B 75 -4.46 -21.15 30.51
C SER B 75 -3.82 -21.44 29.15
N SER B 76 -3.60 -20.38 28.38
CA SER B 76 -3.00 -20.47 27.05
C SER B 76 -2.50 -19.09 26.65
N SER B 77 -2.87 -18.09 27.45
CA SER B 77 -2.48 -16.70 27.23
C SER B 77 -2.68 -16.23 25.79
N THR B 78 -3.87 -16.48 25.25
CA THR B 78 -4.20 -16.07 23.89
C THR B 78 -5.47 -15.23 23.89
N ALA B 79 -5.48 -14.20 23.05
CA ALA B 79 -6.64 -13.31 22.92
C ALA B 79 -7.24 -13.56 21.54
N TYR B 80 -8.56 -13.37 21.41
CA TYR B 80 -9.24 -13.59 20.13
C TYR B 80 -10.08 -12.43 19.61
N GLN B 81 -10.09 -12.28 18.30
CA GLN B 81 -10.83 -11.22 17.61
C GLN B 81 -11.87 -11.87 16.71
N LEU B 82 -13.13 -11.81 17.13
CA LEU B 82 -14.26 -12.40 16.41
C LEU B 82 -14.53 -12.00 14.96
N ASN B 83 -14.70 -10.71 14.68
CA ASN B 83 -15.01 -10.25 13.32
C ASN B 83 -16.35 -10.88 12.92
N ARG B 84 -17.41 -10.08 12.97
CA ARG B 84 -18.76 -10.55 12.67
C ARG B 84 -19.23 -10.55 11.22
N LEU B 85 -19.85 -9.45 10.80
CA LEU B 85 -20.38 -9.33 9.45
C LEU B 85 -19.34 -9.63 8.37
N THR B 86 -18.32 -8.79 8.29
CA THR B 86 -17.23 -8.95 7.31
C THR B 86 -17.67 -8.76 5.86
N SER B 87 -17.04 -7.80 5.19
CA SER B 87 -17.32 -7.47 3.80
C SER B 87 -16.49 -6.27 3.38
N GLU B 88 -16.36 -5.32 4.30
CA GLU B 88 -15.59 -4.09 4.11
C GLU B 88 -14.51 -4.12 5.18
N ASP B 89 -14.42 -5.27 5.84
CA ASP B 89 -13.47 -5.50 6.90
C ASP B 89 -12.11 -5.97 6.38
N SER B 90 -11.92 -5.92 5.07
CA SER B 90 -10.65 -6.35 4.50
C SER B 90 -9.53 -5.40 4.91
N ALA B 91 -8.58 -5.93 5.69
CA ALA B 91 -7.44 -5.15 6.15
C ALA B 91 -6.57 -5.97 7.07
N VAL B 92 -5.64 -5.28 7.72
CA VAL B 92 -4.73 -5.92 8.66
C VAL B 92 -5.17 -5.60 10.08
N TYR B 93 -5.26 -6.62 10.91
CA TYR B 93 -5.67 -6.45 12.30
C TYR B 93 -4.49 -6.70 13.22
N PHE B 94 -4.26 -5.78 14.15
CA PHE B 94 -3.15 -5.90 15.09
C PHE B 94 -3.57 -6.20 16.52
N CYS B 95 -2.65 -6.85 17.22
CA CYS B 95 -2.80 -7.21 18.62
C CYS B 95 -1.87 -6.23 19.31
N ALA B 96 -2.36 -5.50 20.31
CA ALA B 96 -1.55 -4.50 20.98
C ALA B 96 -1.69 -4.50 22.51
N ARG B 97 -0.59 -4.21 23.19
CA ARG B 97 -0.55 -4.17 24.64
C ARG B 97 0.26 -2.93 25.04
N ARG B 98 0.05 -2.42 26.24
CA ARG B 98 0.79 -1.24 26.66
C ARG B 98 2.07 -1.65 27.40
N GLY B 99 2.96 -0.69 27.64
CA GLY B 99 4.20 -0.97 28.33
C GLY B 99 4.08 -0.70 29.81
N PHE B 100 4.45 0.52 30.23
CA PHE B 100 4.35 0.90 31.63
C PHE B 100 2.91 0.77 32.11
N HIS B 101 2.74 0.84 33.43
CA HIS B 101 1.42 0.72 34.06
C HIS B 101 0.54 1.93 33.84
N GLY B 102 1.14 3.12 33.81
CA GLY B 102 0.37 4.35 33.66
C GLY B 102 0.38 5.09 32.34
N SER B 103 0.34 4.38 31.22
CA SER B 103 0.32 5.02 29.91
C SER B 103 -0.33 4.06 28.93
N TYR B 104 -1.49 4.43 28.39
CA TYR B 104 -2.20 3.57 27.46
C TYR B 104 -1.51 3.40 26.11
N SER B 105 -0.31 3.95 25.97
CA SER B 105 0.41 3.82 24.71
C SER B 105 0.78 2.34 24.50
N PHE B 106 0.66 1.88 23.26
CA PHE B 106 0.95 0.49 22.93
C PHE B 106 2.42 0.22 22.64
N ALA B 107 3.14 -0.28 23.64
CA ALA B 107 4.57 -0.59 23.49
C ALA B 107 4.80 -1.91 22.77
N TYR B 108 3.86 -2.83 22.90
CA TYR B 108 3.99 -4.14 22.27
C TYR B 108 2.91 -4.42 21.25
N TRP B 109 3.32 -4.84 20.05
CA TRP B 109 2.39 -5.14 18.96
C TRP B 109 2.65 -6.52 18.34
N GLY B 110 1.60 -7.15 17.82
CA GLY B 110 1.77 -8.42 17.15
C GLY B 110 2.17 -8.05 15.73
N GLN B 111 2.57 -9.04 14.93
CA GLN B 111 2.99 -8.80 13.54
C GLN B 111 1.83 -8.43 12.62
N GLY B 112 0.62 -8.57 13.13
CA GLY B 112 -0.57 -8.27 12.36
C GLY B 112 -1.12 -9.48 11.59
N THR B 113 -2.42 -9.48 11.33
CA THR B 113 -3.07 -10.56 10.60
C THR B 113 -3.85 -9.96 9.42
N LEU B 114 -3.51 -10.35 8.20
CA LEU B 114 -4.20 -9.82 7.03
C LEU B 114 -5.51 -10.59 6.84
N VAL B 115 -6.56 -9.87 6.49
CA VAL B 115 -7.87 -10.47 6.26
C VAL B 115 -8.44 -9.94 4.96
N THR B 116 -8.70 -10.85 4.03
CA THR B 116 -9.26 -10.45 2.74
C THR B 116 -10.63 -11.12 2.59
N VAL B 117 -11.65 -10.31 2.33
CA VAL B 117 -13.00 -10.81 2.16
C VAL B 117 -13.30 -10.81 0.66
N SER B 118 -13.59 -11.98 0.12
CA SER B 118 -13.88 -12.12 -1.31
C SER B 118 -14.67 -13.40 -1.56
N GLY B 119 -15.55 -13.35 -2.56
CA GLY B 119 -16.34 -14.52 -2.89
C GLY B 119 -15.67 -15.32 -3.99
N ALA B 120 -14.66 -14.73 -4.62
CA ALA B 120 -13.94 -15.39 -5.69
C ALA B 120 -13.24 -16.66 -5.21
N LYS B 121 -12.98 -17.56 -6.14
CA LYS B 121 -12.29 -18.81 -5.82
C LYS B 121 -10.92 -18.72 -6.47
N THR B 122 -10.03 -19.62 -6.09
CA THR B 122 -8.68 -19.66 -6.63
C THR B 122 -8.78 -19.61 -8.15
N THR B 123 -8.04 -18.67 -8.75
CA THR B 123 -8.10 -18.49 -10.18
C THR B 123 -6.74 -18.10 -10.76
N ALA B 124 -6.31 -18.84 -11.78
CA ALA B 124 -5.05 -18.57 -12.43
C ALA B 124 -5.14 -17.26 -13.20
N PRO B 125 -4.03 -16.53 -13.29
CA PRO B 125 -4.00 -15.25 -14.00
C PRO B 125 -3.77 -15.42 -15.49
N SER B 126 -4.27 -14.45 -16.25
CA SER B 126 -4.04 -14.44 -17.69
C SER B 126 -2.87 -13.48 -17.76
N VAL B 127 -1.91 -13.75 -18.63
CA VAL B 127 -0.76 -12.87 -18.73
C VAL B 127 -0.71 -12.29 -20.13
N TYR B 128 -0.69 -10.96 -20.22
CA TYR B 128 -0.67 -10.32 -21.54
C TYR B 128 0.57 -9.51 -21.83
N PRO B 129 1.22 -9.78 -22.97
CA PRO B 129 2.44 -9.08 -23.39
C PRO B 129 2.13 -7.68 -23.87
N LEU B 130 2.91 -6.72 -23.39
CA LEU B 130 2.75 -5.33 -23.77
C LEU B 130 3.98 -4.88 -24.56
N ALA B 131 3.76 -4.61 -25.83
CA ALA B 131 4.83 -4.17 -26.72
C ALA B 131 4.40 -2.88 -27.41
N PRO B 132 5.38 -2.04 -27.78
CA PRO B 132 5.08 -0.76 -28.44
C PRO B 132 4.33 -0.99 -29.76
N ALA B 133 3.31 -0.16 -30.02
CA ALA B 133 2.50 -0.26 -31.23
C ALA B 133 3.37 -0.40 -32.49
N ALA B 134 2.98 -1.32 -33.36
CA ALA B 134 3.70 -1.57 -34.63
C ALA B 134 5.12 -2.08 -34.40
N GLY B 135 5.28 -2.94 -33.40
CA GLY B 135 6.59 -3.49 -33.09
C GLY B 135 7.62 -2.40 -32.89
N ALA B 136 8.38 -2.10 -33.94
CA ALA B 136 9.42 -1.08 -33.88
C ALA B 136 10.26 -1.28 -32.63
N ALA B 137 10.50 -0.18 -31.92
CA ALA B 137 11.28 -0.20 -30.68
C ALA B 137 11.36 1.21 -30.13
N GLY B 138 10.21 1.90 -30.18
CA GLY B 138 10.16 3.27 -29.70
C GLY B 138 10.71 4.24 -30.72
N ALA B 139 11.06 5.44 -30.26
CA ALA B 139 11.61 6.46 -31.14
C ALA B 139 12.78 7.17 -30.47
N GLY B 140 13.25 6.60 -29.36
CA GLY B 140 14.38 7.18 -28.64
C GLY B 140 15.54 6.21 -28.54
N SER B 141 16.34 6.34 -27.49
CA SER B 141 17.49 5.45 -27.30
C SER B 141 17.09 4.31 -26.36
N SER B 142 15.88 4.40 -25.80
CA SER B 142 15.36 3.39 -24.88
C SER B 142 13.91 3.00 -25.21
N VAL B 143 13.59 1.73 -24.99
CA VAL B 143 12.23 1.23 -25.24
C VAL B 143 11.69 0.53 -23.99
N THR B 144 10.40 0.74 -23.73
CA THR B 144 9.74 0.13 -22.57
C THR B 144 8.75 -0.94 -22.99
N LEU B 145 8.86 -2.12 -22.39
CA LEU B 145 7.96 -3.23 -22.69
C LEU B 145 7.19 -3.46 -21.40
N GLY B 146 6.16 -4.29 -21.46
CA GLY B 146 5.37 -4.52 -20.27
C GLY B 146 4.70 -5.87 -20.23
N CYS B 147 4.12 -6.14 -19.08
CA CYS B 147 3.46 -7.41 -18.82
C CYS B 147 2.23 -7.07 -17.99
N LEU B 148 1.06 -7.51 -18.43
CA LEU B 148 -0.17 -7.27 -17.72
C LEU B 148 -0.71 -8.59 -17.19
N VAL B 149 -0.95 -8.63 -15.87
CA VAL B 149 -1.45 -9.83 -15.23
C VAL B 149 -2.81 -9.53 -14.61
N LYS B 150 -3.87 -10.21 -15.03
CA LYS B 150 -5.17 -9.94 -14.41
C LYS B 150 -6.06 -11.16 -14.29
N GLY B 151 -7.08 -11.03 -13.45
CA GLY B 151 -8.03 -12.11 -13.25
C GLY B 151 -7.60 -13.22 -12.32
N TYR B 152 -6.64 -12.98 -11.43
CA TYR B 152 -6.25 -14.04 -10.53
C TYR B 152 -6.69 -13.85 -9.09
N PHE B 153 -6.61 -14.94 -8.33
CA PHE B 153 -6.97 -14.94 -6.92
C PHE B 153 -6.50 -16.25 -6.31
N PRO B 154 -5.95 -16.19 -5.09
CA PRO B 154 -5.75 -14.96 -4.32
C PRO B 154 -4.34 -14.49 -4.53
N GLU B 155 -3.92 -13.49 -3.76
CA GLU B 155 -2.55 -12.99 -3.84
C GLU B 155 -1.69 -14.09 -3.26
N PRO B 156 -0.41 -14.17 -3.65
CA PRO B 156 0.22 -13.26 -4.62
C PRO B 156 0.71 -13.99 -5.86
N VAL B 157 1.36 -13.22 -6.73
CA VAL B 157 1.97 -13.76 -7.94
C VAL B 157 3.39 -13.17 -7.93
N THR B 158 4.35 -13.90 -8.46
CA THR B 158 5.71 -13.38 -8.53
C THR B 158 5.92 -13.10 -10.01
N LEU B 159 6.66 -12.04 -10.32
CA LEU B 159 6.92 -11.69 -11.70
C LEU B 159 8.37 -11.30 -11.84
N THR B 160 9.04 -11.85 -12.85
CA THR B 160 10.44 -11.52 -13.11
C THR B 160 10.56 -11.39 -14.61
N TRP B 161 11.70 -10.87 -15.08
CA TRP B 161 11.95 -10.71 -16.50
C TRP B 161 13.16 -11.54 -16.87
N ASN B 162 13.04 -12.30 -17.96
CA ASN B 162 14.10 -13.18 -18.44
C ASN B 162 14.63 -14.06 -17.31
N SER B 163 13.72 -14.65 -16.55
CA SER B 163 14.08 -15.55 -15.46
C SER B 163 14.88 -14.87 -14.36
N GLY B 164 14.77 -13.55 -14.29
CA GLY B 164 15.50 -12.83 -13.27
C GLY B 164 16.77 -12.15 -13.76
N SER B 165 17.23 -12.50 -14.97
CA SER B 165 18.47 -11.89 -15.47
C SER B 165 18.29 -10.43 -15.88
N LEU B 166 17.03 -10.00 -16.01
CA LEU B 166 16.73 -8.62 -16.37
C LEU B 166 16.05 -8.02 -15.13
N SER B 167 16.83 -7.26 -14.36
CA SER B 167 16.35 -6.67 -13.11
C SER B 167 16.44 -5.15 -13.09
N SER B 168 17.37 -4.58 -13.84
CA SER B 168 17.49 -3.13 -13.88
C SER B 168 16.38 -2.52 -14.73
N GLY B 169 16.04 -1.28 -14.43
CA GLY B 169 15.00 -0.59 -15.17
C GLY B 169 13.65 -1.28 -15.12
N VAL B 170 13.39 -2.06 -14.07
CA VAL B 170 12.12 -2.77 -13.91
C VAL B 170 11.22 -2.06 -12.90
N HIS B 171 9.91 -2.04 -13.16
CA HIS B 171 8.95 -1.44 -12.24
C HIS B 171 7.77 -2.40 -12.18
N THR B 172 7.60 -3.04 -11.03
CA THR B 172 6.51 -3.98 -10.84
C THR B 172 5.65 -3.42 -9.75
N PHE B 173 4.41 -3.14 -10.12
CA PHE B 173 3.44 -2.51 -9.24
C PHE B 173 2.50 -3.38 -8.41
N PRO B 174 2.13 -2.89 -7.22
CA PRO B 174 1.23 -3.55 -6.29
C PRO B 174 -0.04 -3.93 -7.02
N ALA B 175 -0.55 -5.13 -6.75
CA ALA B 175 -1.78 -5.57 -7.39
C ALA B 175 -2.98 -4.85 -6.79
N VAL B 176 -4.00 -4.59 -7.59
CA VAL B 176 -5.20 -3.93 -7.08
C VAL B 176 -6.36 -4.91 -7.25
N LEU B 177 -7.27 -4.91 -6.29
CA LEU B 177 -8.43 -5.80 -6.34
C LEU B 177 -9.25 -5.59 -7.60
N ALA B 178 -10.46 -6.13 -7.62
CA ALA B 178 -11.34 -6.01 -8.78
C ALA B 178 -11.86 -7.37 -9.23
N ASP B 179 -12.16 -8.23 -8.26
CA ASP B 179 -12.66 -9.57 -8.55
C ASP B 179 -11.52 -10.54 -8.85
N LEU B 180 -10.54 -10.06 -9.62
CA LEU B 180 -9.39 -10.88 -9.97
C LEU B 180 -8.10 -10.06 -9.97
N TYR B 181 -7.48 -9.95 -8.79
CA TYR B 181 -6.24 -9.19 -8.65
C TYR B 181 -5.58 -8.95 -10.01
N THR B 182 -5.22 -7.70 -10.27
CA THR B 182 -4.59 -7.34 -11.52
C THR B 182 -3.35 -6.49 -11.22
N LEU B 183 -2.24 -6.84 -11.87
CA LEU B 183 -1.04 -6.07 -11.70
C LEU B 183 -0.27 -6.04 -12.99
N SER B 184 0.73 -5.18 -13.05
CA SER B 184 1.53 -5.01 -14.25
C SER B 184 2.98 -4.70 -13.89
N SER B 185 3.84 -4.83 -14.89
CA SER B 185 5.26 -4.57 -14.73
C SER B 185 5.81 -4.02 -16.03
N SER B 186 6.74 -3.10 -15.92
CA SER B 186 7.37 -2.52 -17.09
C SER B 186 8.86 -2.77 -17.02
N VAL B 187 9.51 -2.92 -18.17
CA VAL B 187 10.96 -3.11 -18.19
C VAL B 187 11.47 -2.17 -19.28
N THR B 188 12.56 -1.45 -19.01
CA THR B 188 13.08 -0.53 -20.00
C THR B 188 14.53 -0.86 -20.35
N VAL B 189 14.78 -1.11 -21.63
CA VAL B 189 16.11 -1.44 -22.10
C VAL B 189 16.52 -0.55 -23.26
N THR B 190 17.77 -0.73 -23.71
CA THR B 190 18.32 0.02 -24.83
C THR B 190 17.57 -0.37 -26.09
N SER B 191 17.03 0.62 -26.80
CA SER B 191 16.25 0.40 -28.02
C SER B 191 16.80 -0.59 -29.02
N SER B 192 18.10 -0.53 -29.26
CA SER B 192 18.70 -1.44 -30.22
C SER B 192 18.74 -2.88 -29.74
N THR B 193 18.50 -3.14 -28.46
CA THR B 193 18.57 -4.52 -27.97
C THR B 193 17.29 -5.32 -28.07
N TRP B 194 16.21 -4.67 -28.47
CA TRP B 194 14.94 -5.36 -28.60
C TRP B 194 14.34 -4.97 -29.95
N PRO B 195 13.78 -5.93 -30.68
CA PRO B 195 13.63 -7.36 -30.36
C PRO B 195 14.85 -8.24 -30.64
N ALA B 196 16.01 -7.61 -30.85
CA ALA B 196 17.23 -8.36 -31.12
C ALA B 196 17.43 -9.40 -30.00
N GLU B 197 17.50 -8.93 -28.76
CA GLU B 197 17.69 -9.81 -27.62
C GLU B 197 16.37 -10.00 -26.86
N SER B 198 15.75 -11.15 -27.06
CA SER B 198 14.46 -11.45 -26.46
C SER B 198 14.24 -11.03 -25.02
N ILE B 199 12.98 -10.76 -24.71
CA ILE B 199 12.56 -10.36 -23.38
C ILE B 199 11.23 -11.08 -23.11
N THR B 200 11.19 -11.83 -22.01
CA THR B 200 10.02 -12.61 -21.62
C THR B 200 9.69 -12.36 -20.14
N CYS B 201 8.41 -12.17 -19.78
CA CYS B 201 8.08 -12.01 -18.36
C CYS B 201 7.63 -13.37 -17.85
N ASN B 202 8.07 -13.69 -16.63
CA ASN B 202 7.77 -14.95 -16.00
C ASN B 202 6.86 -14.65 -14.86
N VAL B 203 5.64 -15.17 -14.94
CA VAL B 203 4.68 -14.93 -13.89
C VAL B 203 4.35 -16.23 -13.22
N ALA B 204 4.42 -16.27 -11.90
CA ALA B 204 4.10 -17.50 -11.18
C ALA B 204 2.98 -17.22 -10.18
N HIS B 205 2.05 -18.16 -10.07
CA HIS B 205 0.93 -18.03 -9.13
C HIS B 205 0.88 -19.28 -8.28
N PRO B 206 1.49 -19.23 -7.08
CA PRO B 206 1.52 -20.38 -6.17
C PRO B 206 0.17 -21.08 -5.96
N ALA B 207 -0.84 -20.34 -5.54
CA ALA B 207 -2.18 -20.87 -5.29
C ALA B 207 -2.73 -21.80 -6.38
N SER B 208 -2.48 -21.47 -7.63
CA SER B 208 -2.96 -22.28 -8.75
C SER B 208 -1.91 -23.20 -9.36
N SER B 209 -0.68 -23.14 -8.84
CA SER B 209 0.42 -23.96 -9.34
C SER B 209 0.70 -23.64 -10.79
N THR B 210 0.36 -22.42 -11.20
CA THR B 210 0.53 -22.04 -12.58
C THR B 210 1.65 -21.05 -12.84
N LYS B 211 2.26 -21.16 -14.01
CA LYS B 211 3.32 -20.27 -14.40
C LYS B 211 3.10 -19.94 -15.88
N VAL B 212 3.44 -18.71 -16.25
CA VAL B 212 3.31 -18.29 -17.63
C VAL B 212 4.53 -17.48 -18.03
N ASP B 213 5.22 -17.91 -19.08
CA ASP B 213 6.38 -17.17 -19.55
C ASP B 213 6.03 -16.59 -20.89
N LYS B 214 5.61 -15.33 -20.89
CA LYS B 214 5.19 -14.68 -22.11
C LYS B 214 6.28 -13.85 -22.74
N LYS B 215 6.66 -14.24 -23.95
CA LYS B 215 7.69 -13.52 -24.68
C LYS B 215 7.04 -12.28 -25.30
N ILE B 216 7.79 -11.18 -25.28
CA ILE B 216 7.30 -9.91 -25.82
C ILE B 216 7.80 -9.76 -27.26
N GLU B 217 6.86 -9.74 -28.20
CA GLU B 217 7.26 -9.62 -29.59
C GLU B 217 6.63 -8.44 -30.30
N PRO B 218 7.29 -7.97 -31.36
CA PRO B 218 6.76 -6.83 -32.12
C PRO B 218 5.35 -7.24 -32.57
N ARG B 219 4.47 -6.25 -32.68
CA ARG B 219 3.09 -6.50 -33.05
C ARG B 219 2.58 -5.42 -33.98
N GLY B 220 1.44 -5.66 -34.60
CA GLY B 220 0.87 -4.67 -35.51
C GLY B 220 -0.32 -3.96 -34.87
#